data_2AST
#
_entry.id   2AST
#
_cell.length_a   148.700
_cell.length_b   148.700
_cell.length_c   98.800
_cell.angle_alpha   90.00
_cell.angle_beta   90.00
_cell.angle_gamma   120.00
#
_symmetry.space_group_name_H-M   'P 32 2 1'
#
loop_
_entity.id
_entity.type
_entity.pdbx_description
1 polymer 'S-phase kinase-associated protein 1A'
2 polymer 'S-phase kinase-associated protein 2'
3 polymer 'Cyclin-dependent kinases regulatory subunit 1'
4 polymer 'Cyclin-dependent kinase inhibitor 1B'
5 non-polymer BENZAMIDINE
6 water water
#
loop_
_entity_poly.entity_id
_entity_poly.type
_entity_poly.pdbx_seq_one_letter_code
_entity_poly.pdbx_strand_id
1 'polypeptide(L)'
;ASIKLQSSDGEIFEVDVEIAKQSVTIKTMLEDLGMDDEGDDDPVPLPNVNAAILKKVIQWCTHHKDDPPPPEDDENKEKR
TDDIPVWDQEFLKVDQGTLFELILAANYLDIKGLLDVTCKTVANMIKGKTPEEIRKTFNIKNDFTEEEEAQVRKENQWC
;
A
2 'polypeptide(L)'
;RENFPGVSWDSLPDELLLGIFSCLCLPELLKVSGVCKRWYRLASDESLWQTLDLTGKNLHPDVTGRLLSQGVIAFRCPRS
FMDQPLAEHFSPFRVQHMDLSNSVIEVSTLHGILSQCSKLQNLSLEGLRLSDPIVNTLAKNSNLVRLNLSGCSGFSEFAL
QTLLSSCSRLDELNLSWCFDFTEKHVQVAVAHVSETITQLNLSGYRKNLQKSDLSTLVRRCPNLVHLDLSDSVMLKNDCF
QEFFQLNYLQHLSLSRCYDIIPETLLELGEIPTLKTLQVFGIVPDGTLQLLKEALPHLQINCSHFTTIARPTIGNKKNQE
IWGIKCRLTLQKPSCL
;
B
3 'polypeptide(L)' QIYYSDKYDDEEFEYRHVMLPKDIAKLVPKTHLMSESEWRNLGVQQSQGWVHYMIHEPEPHILLFRRPL C
4 'polypeptide(L)' AGSVEQ(TPO)PKK D
#
loop_
_chem_comp.id
_chem_comp.type
_chem_comp.name
_chem_comp.formula
BEN non-polymer BENZAMIDINE 'C7 H8 N2'
#
# COMPACT_ATOMS: atom_id res chain seq x y z
N ALA A 1 -11.16 -11.60 -43.86
CA ALA A 1 -12.45 -11.60 -43.12
C ALA A 1 -12.76 -12.97 -42.51
N SER A 2 -12.53 -14.03 -43.27
CA SER A 2 -12.84 -15.40 -42.84
C SER A 2 -11.60 -16.29 -42.85
N ILE A 3 -11.58 -17.27 -41.93
CA ILE A 3 -10.44 -18.17 -41.76
C ILE A 3 -10.92 -19.56 -41.33
N LYS A 4 -10.16 -20.59 -41.69
CA LYS A 4 -10.54 -21.98 -41.39
C LYS A 4 -9.59 -22.64 -40.37
N LEU A 5 -10.17 -23.39 -39.45
CA LEU A 5 -9.43 -24.07 -38.39
C LEU A 5 -9.78 -25.56 -38.37
N GLN A 6 -8.76 -26.41 -38.31
CA GLN A 6 -8.98 -27.85 -38.23
C GLN A 6 -8.70 -28.35 -36.82
N SER A 7 -9.68 -29.05 -36.25
CA SER A 7 -9.53 -29.65 -34.92
C SER A 7 -8.65 -30.89 -34.99
N SER A 8 -8.36 -31.46 -33.82
CA SER A 8 -7.46 -32.59 -33.70
C SER A 8 -7.97 -33.80 -34.46
N ASP A 9 -9.29 -34.02 -34.39
CA ASP A 9 -9.96 -35.15 -35.03
C ASP A 9 -10.40 -34.87 -36.47
N GLY A 10 -10.01 -33.71 -37.02
CA GLY A 10 -10.13 -33.47 -38.45
C GLY A 10 -11.19 -32.49 -38.93
N GLU A 11 -12.18 -32.20 -38.09
CA GLU A 11 -13.28 -31.32 -38.48
C GLU A 11 -12.79 -29.91 -38.72
N ILE A 12 -13.36 -29.27 -39.74
CA ILE A 12 -12.93 -27.95 -40.19
C ILE A 12 -14.02 -26.91 -39.90
N PHE A 13 -13.62 -25.81 -39.28
CA PHE A 13 -14.53 -24.76 -38.86
C PHE A 13 -14.16 -23.45 -39.53
N GLU A 14 -15.16 -22.77 -40.06
CA GLU A 14 -14.95 -21.46 -40.67
C GLU A 14 -15.34 -20.39 -39.65
N VAL A 15 -14.42 -19.45 -39.41
CA VAL A 15 -14.63 -18.40 -38.42
C VAL A 15 -14.09 -17.06 -38.92
N ASP A 16 -14.63 -15.98 -38.37
CA ASP A 16 -14.10 -14.64 -38.63
C ASP A 16 -12.68 -14.52 -38.09
N VAL A 17 -11.82 -13.83 -38.83
CA VAL A 17 -10.41 -13.65 -38.45
C VAL A 17 -10.24 -12.90 -37.13
N GLU A 18 -11.17 -12.00 -36.83
CA GLU A 18 -11.10 -11.19 -35.62
C GLU A 18 -11.53 -11.98 -34.39
N ILE A 19 -12.49 -12.87 -34.59
CA ILE A 19 -12.93 -13.81 -33.55
C ILE A 19 -11.82 -14.82 -33.23
N ALA A 20 -11.18 -15.33 -34.27
CA ALA A 20 -10.04 -16.25 -34.13
C ALA A 20 -8.79 -15.57 -33.54
N LYS A 21 -8.77 -14.23 -33.64
CA LYS A 21 -7.67 -13.41 -33.12
C LYS A 21 -7.62 -13.43 -31.59
N GLN A 22 -8.77 -13.62 -30.95
CA GLN A 22 -8.87 -13.72 -29.48
C GLN A 22 -7.99 -14.82 -28.92
N SER A 23 -7.66 -15.80 -29.76
CA SER A 23 -6.68 -16.81 -29.44
C SER A 23 -5.30 -16.31 -29.84
N VAL A 24 -4.43 -16.14 -28.85
CA VAL A 24 -3.06 -15.67 -29.10
C VAL A 24 -2.27 -16.73 -29.87
N THR A 25 -2.53 -18.00 -29.56
CA THR A 25 -1.92 -19.11 -30.29
C THR A 25 -2.26 -19.05 -31.78
N ILE A 26 -3.54 -18.88 -32.10
CA ILE A 26 -3.98 -18.74 -33.49
C ILE A 26 -3.44 -17.44 -34.11
N LYS A 27 -3.39 -16.38 -33.30
CA LYS A 27 -2.81 -15.11 -33.73
C LYS A 27 -1.35 -15.26 -34.14
N THR A 28 -0.58 -16.00 -33.34
CA THR A 28 0.84 -16.22 -33.61
C THR A 28 1.10 -17.28 -34.69
N MET A 29 0.06 -18.06 -35.01
CA MET A 29 0.14 -19.06 -36.07
C MET A 29 -0.20 -18.50 -37.45
N LEU A 30 -0.77 -17.29 -37.47
CA LEU A 30 -1.22 -16.67 -38.72
C LEU A 30 -0.16 -15.80 -39.40
N GLU A 31 0.85 -15.39 -38.64
CA GLU A 31 1.95 -14.58 -39.18
C GLU A 31 2.91 -15.41 -40.04
N ASP A 32 3.34 -16.55 -39.51
CA ASP A 32 4.16 -17.49 -40.27
C ASP A 32 3.31 -18.70 -40.69
N LEU A 33 3.70 -19.32 -41.80
CA LEU A 33 2.99 -20.46 -42.39
C LEU A 33 1.61 -20.08 -42.94
N GLY A 34 1.47 -20.13 -44.26
CA GLY A 34 0.22 -19.72 -44.92
C GLY A 34 -0.62 -20.87 -45.45
N MET A 35 -1.76 -20.50 -46.04
CA MET A 35 -2.74 -21.45 -46.62
C MET A 35 -3.57 -22.21 -45.58
N ASP A 36 -4.87 -21.92 -45.57
CA ASP A 36 -5.81 -22.60 -44.70
C ASP A 36 -5.84 -24.09 -44.99
N PRO A 43 -6.90 -25.58 -43.68
CA PRO A 43 -7.17 -24.85 -42.44
C PRO A 43 -5.93 -24.77 -41.55
N VAL A 44 -6.04 -23.96 -40.49
CA VAL A 44 -5.04 -23.94 -39.43
C VAL A 44 -5.22 -25.19 -38.56
N PRO A 45 -4.20 -26.06 -38.50
CA PRO A 45 -4.30 -27.24 -37.65
C PRO A 45 -4.23 -26.90 -36.16
N LEU A 46 -5.13 -27.48 -35.37
CA LEU A 46 -5.10 -27.36 -33.92
C LEU A 46 -5.08 -28.75 -33.31
N PRO A 47 -3.91 -29.42 -33.31
CA PRO A 47 -3.80 -30.82 -32.89
C PRO A 47 -4.19 -31.10 -31.43
N ASN A 48 -4.43 -30.06 -30.64
CA ASN A 48 -4.67 -30.24 -29.20
C ASN A 48 -6.11 -29.98 -28.73
N VAL A 49 -6.96 -29.48 -29.61
CA VAL A 49 -8.39 -29.31 -29.32
C VAL A 49 -9.22 -30.09 -30.32
N ASN A 50 -10.17 -30.88 -29.82
CA ASN A 50 -11.09 -31.61 -30.67
C ASN A 50 -12.31 -30.78 -31.10
N ALA A 51 -13.10 -31.35 -32.00
CA ALA A 51 -14.23 -30.65 -32.61
C ALA A 51 -15.29 -30.19 -31.61
N ALA A 52 -15.59 -31.04 -30.63
CA ALA A 52 -16.61 -30.75 -29.62
C ALA A 52 -16.26 -29.50 -28.80
N ILE A 53 -15.02 -29.44 -28.34
CA ILE A 53 -14.52 -28.33 -27.53
C ILE A 53 -14.30 -27.07 -28.38
N LEU A 54 -13.74 -27.23 -29.58
CA LEU A 54 -13.48 -26.09 -30.48
C LEU A 54 -14.77 -25.36 -30.83
N LYS A 55 -15.85 -26.11 -31.03
CA LYS A 55 -17.17 -25.56 -31.29
C LYS A 55 -17.63 -24.66 -30.13
N LYS A 56 -17.43 -25.13 -28.91
CA LYS A 56 -17.74 -24.36 -27.69
C LYS A 56 -16.86 -23.11 -27.62
N VAL A 57 -15.57 -23.28 -27.85
CA VAL A 57 -14.60 -22.18 -27.84
C VAL A 57 -15.00 -21.09 -28.84
N ILE A 58 -15.35 -21.51 -30.05
CA ILE A 58 -15.78 -20.57 -31.10
C ILE A 58 -17.10 -19.88 -30.71
N GLN A 59 -18.02 -20.65 -30.12
CA GLN A 59 -19.27 -20.13 -29.59
C GLN A 59 -19.00 -19.02 -28.58
N TRP A 60 -18.10 -19.30 -27.62
CA TRP A 60 -17.70 -18.32 -26.61
C TRP A 60 -17.09 -17.06 -27.21
N CYS A 61 -16.10 -17.24 -28.09
CA CYS A 61 -15.36 -16.13 -28.70
C CYS A 61 -16.25 -15.23 -29.55
N THR A 62 -17.30 -15.80 -30.13
CA THR A 62 -18.29 -15.06 -30.90
C THR A 62 -19.11 -14.13 -30.00
N HIS A 63 -19.52 -14.65 -28.84
CA HIS A 63 -20.28 -13.88 -27.86
C HIS A 63 -19.49 -12.68 -27.30
N HIS A 64 -18.19 -12.87 -27.11
CA HIS A 64 -17.32 -11.85 -26.51
C HIS A 64 -16.49 -11.07 -27.54
N LYS A 65 -16.93 -11.06 -28.79
CA LYS A 65 -16.15 -10.45 -29.88
C LYS A 65 -16.01 -8.92 -29.79
N ASP A 66 -16.98 -8.28 -29.12
CA ASP A 66 -16.99 -6.82 -28.99
C ASP A 66 -16.63 -6.34 -27.58
N ASP A 67 -16.24 -7.27 -26.73
CA ASP A 67 -15.86 -6.97 -25.33
C ASP A 67 -14.50 -6.26 -25.25
N PRO A 68 -14.43 -5.16 -24.48
CA PRO A 68 -13.18 -4.45 -24.26
C PRO A 68 -12.19 -5.28 -23.43
N PRO A 69 -12.61 -5.69 -22.23
CA PRO A 69 -11.79 -6.52 -21.35
C PRO A 69 -10.62 -5.76 -20.75
N THR A 81 -11.02 -10.65 -12.79
CA THR A 81 -11.12 -10.31 -11.37
C THR A 81 -12.57 -9.92 -11.01
N ASP A 82 -13.15 -10.79 -10.19
CA ASP A 82 -14.49 -10.63 -9.61
C ASP A 82 -15.65 -10.71 -10.62
N ASP A 83 -16.36 -11.82 -10.53
CA ASP A 83 -17.82 -11.81 -11.04
C ASP A 83 -17.73 -12.36 -12.45
N ILE A 84 -18.26 -13.56 -12.59
CA ILE A 84 -18.61 -14.27 -13.77
C ILE A 84 -19.93 -13.82 -14.39
N PRO A 85 -19.87 -13.12 -15.55
CA PRO A 85 -21.07 -12.63 -16.23
C PRO A 85 -22.14 -13.71 -16.41
N VAL A 86 -23.40 -13.28 -16.48
CA VAL A 86 -24.55 -14.19 -16.48
C VAL A 86 -24.50 -15.20 -17.62
N TRP A 87 -24.13 -14.74 -18.82
CA TRP A 87 -24.03 -15.61 -20.00
C TRP A 87 -22.97 -16.70 -19.84
N ASP A 88 -21.83 -16.32 -19.28
CA ASP A 88 -20.72 -17.25 -19.07
C ASP A 88 -21.05 -18.29 -18.01
N GLN A 89 -21.97 -17.96 -17.11
CA GLN A 89 -22.41 -18.87 -16.07
C GLN A 89 -23.19 -20.05 -16.64
N GLU A 90 -24.12 -19.77 -17.56
CA GLU A 90 -24.89 -20.83 -18.22
C GLU A 90 -24.05 -21.60 -19.24
N PHE A 91 -23.15 -20.90 -19.93
CA PHE A 91 -22.24 -21.49 -20.92
C PHE A 91 -21.36 -22.56 -20.27
N LEU A 92 -20.96 -22.33 -19.02
CA LEU A 92 -20.07 -23.23 -18.31
C LEU A 92 -20.80 -24.28 -17.47
N LYS A 93 -22.13 -24.30 -17.55
CA LYS A 93 -22.94 -25.33 -16.90
C LYS A 93 -22.79 -26.66 -17.65
N VAL A 94 -21.65 -27.30 -17.45
CA VAL A 94 -21.30 -28.55 -18.13
C VAL A 94 -20.68 -29.54 -17.15
N ASP A 95 -20.51 -30.78 -17.59
CA ASP A 95 -19.86 -31.80 -16.76
C ASP A 95 -18.38 -31.49 -16.57
N GLN A 96 -17.78 -32.11 -15.55
CA GLN A 96 -16.37 -31.89 -15.19
C GLN A 96 -15.40 -32.18 -16.34
N GLY A 97 -15.74 -33.19 -17.16
CA GLY A 97 -14.94 -33.55 -18.33
C GLY A 97 -14.81 -32.41 -19.33
N THR A 98 -15.95 -31.86 -19.73
CA THR A 98 -16.00 -30.73 -20.67
C THR A 98 -15.20 -29.53 -20.13
N LEU A 99 -15.50 -29.14 -18.89
CA LEU A 99 -14.84 -28.02 -18.22
C LEU A 99 -13.32 -28.21 -18.14
N PHE A 100 -12.92 -29.44 -17.81
CA PHE A 100 -11.51 -29.83 -17.77
C PHE A 100 -10.82 -29.63 -19.12
N GLU A 101 -11.55 -29.96 -20.19
CA GLU A 101 -11.05 -29.80 -21.56
C GLU A 101 -11.03 -28.33 -21.97
N LEU A 102 -12.06 -27.59 -21.56
CA LEU A 102 -12.17 -26.15 -21.85
C LEU A 102 -10.99 -25.33 -21.30
N ILE A 103 -10.55 -25.65 -20.08
CA ILE A 103 -9.40 -24.97 -19.47
C ILE A 103 -8.12 -25.23 -20.26
N LEU A 104 -7.90 -26.49 -20.60
CA LEU A 104 -6.75 -26.90 -21.41
C LEU A 104 -6.80 -26.25 -22.78
N ALA A 105 -7.99 -26.21 -23.38
CA ALA A 105 -8.20 -25.54 -24.66
C ALA A 105 -7.93 -24.05 -24.56
N ALA A 106 -8.46 -23.43 -23.51
CA ALA A 106 -8.20 -22.01 -23.22
C ALA A 106 -6.71 -21.73 -23.05
N ASN A 107 -6.01 -22.65 -22.39
CA ASN A 107 -4.57 -22.54 -22.23
C ASN A 107 -3.79 -22.79 -23.51
N TYR A 108 -4.17 -23.84 -24.24
CA TYR A 108 -3.52 -24.16 -25.51
C TYR A 108 -3.74 -23.06 -26.54
N LEU A 109 -4.97 -22.59 -26.64
CA LEU A 109 -5.33 -21.54 -27.60
C LEU A 109 -4.98 -20.16 -27.07
N ASP A 110 -4.67 -20.10 -25.78
CA ASP A 110 -4.28 -18.84 -25.11
C ASP A 110 -5.36 -17.77 -25.28
N ILE A 111 -6.54 -18.06 -24.76
CA ILE A 111 -7.65 -17.10 -24.75
C ILE A 111 -7.84 -16.64 -23.30
N LYS A 112 -7.35 -15.43 -23.03
CA LYS A 112 -7.31 -14.83 -21.70
C LYS A 112 -8.66 -14.88 -20.98
N GLY A 113 -9.67 -14.27 -21.60
CA GLY A 113 -11.01 -14.17 -21.02
C GLY A 113 -11.70 -15.49 -20.75
N LEU A 114 -11.44 -16.49 -21.59
CA LEU A 114 -12.00 -17.82 -21.40
C LEU A 114 -11.28 -18.55 -20.27
N LEU A 115 -9.95 -18.43 -20.26
CA LEU A 115 -9.13 -18.91 -19.14
C LEU A 115 -9.59 -18.29 -17.83
N ASP A 116 -9.96 -17.01 -17.87
CA ASP A 116 -10.43 -16.29 -16.69
C ASP A 116 -11.68 -16.92 -16.09
N VAL A 117 -12.74 -17.03 -16.89
CA VAL A 117 -14.03 -17.55 -16.42
C VAL A 117 -14.02 -19.05 -16.08
N THR A 118 -13.21 -19.83 -16.78
CA THR A 118 -13.13 -21.27 -16.50
C THR A 118 -12.41 -21.55 -15.18
N CYS A 119 -11.29 -20.87 -14.96
CA CYS A 119 -10.54 -20.96 -13.70
C CYS A 119 -11.36 -20.50 -12.49
N LYS A 120 -12.11 -19.41 -12.66
CA LYS A 120 -13.00 -18.91 -11.61
C LYS A 120 -14.07 -19.94 -11.25
N THR A 121 -14.63 -20.59 -12.27
CA THR A 121 -15.66 -21.60 -12.10
C THR A 121 -15.17 -22.79 -11.26
N VAL A 122 -13.96 -23.27 -11.55
CA VAL A 122 -13.34 -24.35 -10.78
C VAL A 122 -13.03 -23.87 -9.36
N ALA A 123 -12.61 -22.61 -9.24
CA ALA A 123 -12.34 -22.01 -7.93
C ALA A 123 -13.62 -21.85 -7.10
N ASN A 124 -14.72 -21.52 -7.78
CA ASN A 124 -16.03 -21.42 -7.14
C ASN A 124 -16.56 -22.76 -6.63
N MET A 125 -16.09 -23.84 -7.26
CA MET A 125 -16.38 -25.20 -6.80
C MET A 125 -15.58 -25.51 -5.53
N ILE A 126 -14.35 -25.01 -5.49
CA ILE A 126 -13.45 -25.18 -4.34
C ILE A 126 -13.92 -24.35 -3.12
N LYS A 127 -14.53 -23.19 -3.38
CA LYS A 127 -15.02 -22.30 -2.33
C LYS A 127 -16.11 -22.96 -1.48
N GLY A 128 -15.80 -23.19 -0.20
CA GLY A 128 -16.75 -23.78 0.73
C GLY A 128 -16.41 -25.22 1.09
N LYS A 129 -16.14 -26.04 0.08
CA LYS A 129 -15.83 -27.45 0.26
C LYS A 129 -14.57 -27.67 1.09
N THR A 130 -14.63 -28.62 2.02
CA THR A 130 -13.51 -28.97 2.89
C THR A 130 -12.41 -29.69 2.10
N PRO A 131 -11.15 -29.62 2.57
CA PRO A 131 -10.03 -30.29 1.88
C PRO A 131 -10.27 -31.79 1.63
N GLU A 132 -11.21 -32.38 2.36
CA GLU A 132 -11.59 -33.78 2.18
C GLU A 132 -12.58 -33.93 1.03
N GLU A 133 -13.48 -32.96 0.89
CA GLU A 133 -14.42 -32.92 -0.23
C GLU A 133 -13.70 -32.64 -1.55
N ILE A 134 -12.60 -31.89 -1.47
CA ILE A 134 -11.79 -31.54 -2.64
C ILE A 134 -11.12 -32.78 -3.25
N ARG A 135 -10.50 -33.60 -2.40
CA ARG A 135 -9.85 -34.85 -2.84
C ARG A 135 -10.85 -35.90 -3.33
N LYS A 136 -12.14 -35.62 -3.14
CA LYS A 136 -13.21 -36.51 -3.59
C LYS A 136 -13.89 -35.99 -4.85
N THR A 137 -14.46 -34.79 -4.77
CA THR A 137 -15.21 -34.19 -5.90
C THR A 137 -14.36 -33.97 -7.14
N PHE A 138 -13.04 -33.98 -6.97
CA PHE A 138 -12.10 -33.92 -8.09
C PHE A 138 -11.29 -35.20 -8.21
N ASN A 139 -11.49 -36.11 -7.25
CA ASN A 139 -10.79 -37.40 -7.18
C ASN A 139 -9.26 -37.24 -7.19
N ILE A 140 -8.73 -36.80 -6.05
CA ILE A 140 -7.30 -36.54 -5.90
C ILE A 140 -6.70 -37.43 -4.81
N LYS A 141 -5.50 -37.96 -5.07
CA LYS A 141 -4.79 -38.82 -4.12
C LYS A 141 -4.24 -38.02 -2.94
N ASN A 142 -4.56 -38.49 -1.73
CA ASN A 142 -4.08 -37.87 -0.49
C ASN A 142 -2.82 -38.57 0.01
N ASP A 143 -1.68 -37.92 -0.17
CA ASP A 143 -0.39 -38.48 0.28
C ASP A 143 0.16 -37.79 1.52
N PHE A 144 0.79 -38.57 2.39
CA PHE A 144 1.22 -38.15 3.74
C PHE A 144 0.06 -37.60 4.56
N THR A 145 -0.62 -38.50 5.26
CA THR A 145 -1.78 -38.14 6.09
C THR A 145 -1.37 -38.17 7.58
N GLU A 146 -2.31 -37.71 8.40
CA GLU A 146 -2.24 -37.76 9.88
C GLU A 146 -1.15 -36.88 10.55
N GLU A 147 -0.08 -36.54 9.86
CA GLU A 147 1.12 -36.08 10.73
C GLU A 147 1.41 -34.81 10.02
N GLU A 148 1.48 -35.02 8.74
CA GLU A 148 1.69 -33.87 7.86
C GLU A 148 0.44 -32.99 7.77
N GLU A 149 -0.73 -33.63 7.76
CA GLU A 149 -2.01 -32.91 7.70
C GLU A 149 -2.23 -32.00 8.91
N ALA A 150 -1.76 -32.43 10.08
CA ALA A 150 -1.80 -31.63 11.29
C ALA A 150 -0.71 -30.54 11.27
N GLN A 151 0.40 -30.85 10.62
CA GLN A 151 1.53 -29.92 10.48
C GLN A 151 1.21 -28.80 9.50
N VAL A 152 0.35 -29.08 8.52
CA VAL A 152 -0.15 -28.08 7.58
C VAL A 152 -1.14 -27.16 8.29
N ARG A 153 -2.00 -27.76 9.12
CA ARG A 153 -2.96 -27.01 9.92
C ARG A 153 -2.26 -26.07 10.90
N LYS A 154 -1.15 -26.54 11.47
CA LYS A 154 -0.31 -25.77 12.38
C LYS A 154 0.30 -24.55 11.69
N GLU A 155 0.81 -24.75 10.48
CA GLU A 155 1.41 -23.68 9.68
C GLU A 155 0.42 -22.60 9.24
N ASN A 156 -0.86 -22.97 9.19
CA ASN A 156 -1.91 -22.07 8.73
C ASN A 156 -2.81 -21.56 9.86
N GLN A 157 -2.49 -21.96 11.10
CA GLN A 157 -3.20 -21.53 12.31
C GLN A 157 -3.34 -20.02 12.40
N TRP A 158 -2.28 -19.32 12.03
CA TRP A 158 -2.18 -17.86 12.18
C TRP A 158 -3.33 -17.09 11.55
N CYS A 159 -3.87 -17.63 10.46
CA CYS A 159 -4.89 -16.94 9.67
C CYS A 159 -6.27 -17.01 10.30
N VAL B 7 -12.77 -38.33 -14.47
CA VAL B 7 -11.99 -37.10 -14.75
C VAL B 7 -10.83 -36.96 -13.77
N SER B 8 -9.62 -36.91 -14.32
CA SER B 8 -8.40 -36.75 -13.52
C SER B 8 -7.86 -35.33 -13.62
N TRP B 9 -7.81 -34.65 -12.48
CA TRP B 9 -7.30 -33.28 -12.42
C TRP B 9 -5.83 -33.25 -12.01
N ASP B 10 -5.25 -34.43 -11.81
CA ASP B 10 -3.83 -34.56 -11.48
C ASP B 10 -2.94 -34.34 -12.70
N SER B 11 -3.52 -34.53 -13.89
CA SER B 11 -2.81 -34.33 -15.15
C SER B 11 -2.70 -32.84 -15.51
N LEU B 12 -3.63 -32.05 -14.99
CA LEU B 12 -3.69 -30.60 -15.22
C LEU B 12 -2.38 -29.91 -14.80
N PRO B 13 -1.77 -29.14 -15.71
CA PRO B 13 -0.43 -28.56 -15.51
C PRO B 13 -0.36 -27.57 -14.35
N ASP B 14 0.84 -27.40 -13.81
CA ASP B 14 1.10 -26.50 -12.67
C ASP B 14 0.52 -25.09 -12.89
N GLU B 15 0.85 -24.50 -14.04
CA GLU B 15 0.44 -23.15 -14.41
C GLU B 15 -1.07 -22.96 -14.37
N LEU B 16 -1.80 -24.02 -14.67
CA LEU B 16 -3.26 -23.97 -14.69
C LEU B 16 -3.87 -24.10 -13.30
N LEU B 17 -3.20 -24.87 -12.43
CA LEU B 17 -3.59 -24.92 -11.02
C LEU B 17 -3.34 -23.59 -10.35
N LEU B 18 -2.17 -22.99 -10.64
CA LEU B 18 -1.83 -21.64 -10.19
C LEU B 18 -2.89 -20.64 -10.65
N GLY B 19 -3.36 -20.80 -11.88
CA GLY B 19 -4.42 -19.96 -12.43
C GLY B 19 -5.74 -20.08 -11.68
N ILE B 20 -6.05 -21.29 -11.20
CA ILE B 20 -7.27 -21.53 -10.42
C ILE B 20 -7.07 -21.03 -8.99
N PHE B 21 -5.91 -21.35 -8.41
CA PHE B 21 -5.56 -20.87 -7.06
C PHE B 21 -5.61 -19.35 -6.95
N SER B 22 -5.16 -18.65 -8.00
CA SER B 22 -5.11 -17.19 -7.99
C SER B 22 -6.48 -16.52 -7.85
N CYS B 23 -7.54 -17.30 -8.06
CA CYS B 23 -8.92 -16.81 -7.89
C CYS B 23 -9.41 -16.97 -6.45
N LEU B 24 -8.65 -17.68 -5.63
CA LEU B 24 -9.01 -17.91 -4.24
C LEU B 24 -8.58 -16.75 -3.32
N CYS B 25 -9.49 -16.35 -2.44
CA CYS B 25 -9.17 -15.44 -1.36
C CYS B 25 -8.20 -16.14 -0.39
N LEU B 26 -7.50 -15.36 0.42
CA LEU B 26 -6.40 -15.86 1.27
C LEU B 26 -6.72 -17.10 2.13
N PRO B 27 -7.80 -17.06 2.94
CA PRO B 27 -8.03 -18.25 3.77
C PRO B 27 -8.36 -19.49 2.92
N GLU B 28 -9.11 -19.28 1.84
CA GLU B 28 -9.43 -20.34 0.87
C GLU B 28 -8.17 -20.94 0.27
N LEU B 29 -7.16 -20.10 0.01
CA LEU B 29 -5.88 -20.55 -0.54
C LEU B 29 -5.12 -21.44 0.44
N LEU B 30 -5.19 -21.10 1.72
CA LEU B 30 -4.47 -21.87 2.73
C LEU B 30 -5.13 -23.23 2.97
N LYS B 31 -6.47 -23.23 2.92
CA LYS B 31 -7.25 -24.47 2.98
C LYS B 31 -6.74 -25.51 1.96
N VAL B 32 -6.64 -25.12 0.70
CA VAL B 32 -6.33 -26.05 -0.40
C VAL B 32 -4.88 -26.55 -0.41
N SER B 33 -4.04 -25.96 0.44
CA SER B 33 -2.66 -26.44 0.59
C SER B 33 -2.65 -27.78 1.32
N GLY B 34 -3.74 -28.06 2.04
CA GLY B 34 -3.91 -29.33 2.74
C GLY B 34 -4.73 -30.32 1.94
N VAL B 35 -4.28 -30.57 0.71
CA VAL B 35 -4.94 -31.51 -0.20
C VAL B 35 -3.95 -32.59 -0.63
N CYS B 36 -2.75 -32.17 -1.03
CA CYS B 36 -1.66 -33.07 -1.39
C CYS B 36 -0.34 -32.32 -1.44
N LYS B 37 0.76 -33.07 -1.45
CA LYS B 37 2.11 -32.48 -1.48
C LYS B 37 2.32 -31.53 -2.66
N ARG B 38 1.61 -31.79 -3.76
CA ARG B 38 1.71 -30.97 -4.97
C ARG B 38 0.94 -29.65 -4.82
N TRP B 39 -0.31 -29.75 -4.34
CA TRP B 39 -1.14 -28.59 -4.06
C TRP B 39 -0.54 -27.68 -2.99
N TYR B 40 0.11 -28.31 -2.00
CA TYR B 40 0.83 -27.61 -0.94
C TYR B 40 2.03 -26.82 -1.50
N ARG B 41 2.75 -27.44 -2.43
CA ARG B 41 3.88 -26.79 -3.10
C ARG B 41 3.44 -25.56 -3.88
N LEU B 42 2.32 -25.69 -4.57
CA LEU B 42 1.86 -24.65 -5.49
C LEU B 42 1.11 -23.52 -4.79
N ALA B 43 0.55 -23.81 -3.61
CA ALA B 43 -0.20 -22.81 -2.85
C ALA B 43 0.71 -21.72 -2.29
N SER B 44 2.00 -22.03 -2.18
CA SER B 44 3.02 -21.12 -1.67
C SER B 44 3.88 -20.56 -2.80
N ASP B 45 3.45 -20.79 -4.04
CA ASP B 45 4.28 -20.61 -5.23
C ASP B 45 5.19 -19.38 -5.24
N GLU B 46 4.59 -18.19 -5.38
CA GLU B 46 5.34 -16.96 -5.63
C GLU B 46 4.40 -15.94 -6.24
N SER B 47 3.75 -16.34 -7.35
CA SER B 47 3.04 -15.80 -8.44
C SER B 47 1.72 -15.54 -7.72
N LEU B 48 1.48 -16.28 -6.64
CA LEU B 48 0.27 -16.13 -5.84
C LEU B 48 0.49 -15.16 -4.67
N TRP B 49 1.74 -14.95 -4.28
CA TRP B 49 2.05 -14.18 -3.08
C TRP B 49 2.69 -12.81 -3.34
N GLN B 50 2.45 -12.24 -4.51
CA GLN B 50 3.05 -10.96 -4.91
C GLN B 50 2.56 -9.80 -4.04
N THR B 51 1.26 -9.78 -3.75
CA THR B 51 0.65 -8.71 -2.97
C THR B 51 -0.16 -9.24 -1.79
N LEU B 52 0.16 -8.72 -0.60
CA LEU B 52 -0.42 -9.21 0.66
C LEU B 52 -0.82 -8.07 1.59
N ASP B 53 -2.05 -8.14 2.08
CA ASP B 53 -2.60 -7.14 2.99
C ASP B 53 -3.03 -7.81 4.28
N LEU B 54 -2.29 -7.52 5.35
CA LEU B 54 -2.61 -8.02 6.68
C LEU B 54 -2.89 -6.90 7.69
N THR B 55 -3.42 -5.78 7.20
CA THR B 55 -3.77 -4.63 8.05
C THR B 55 -4.45 -5.06 9.33
N GLY B 56 -3.94 -4.62 10.47
CA GLY B 56 -4.59 -4.85 11.77
C GLY B 56 -4.44 -6.24 12.34
N LYS B 57 -3.66 -7.08 11.65
CA LYS B 57 -3.49 -8.47 12.04
C LYS B 57 -2.56 -8.63 13.25
N ASN B 58 -2.98 -9.46 14.19
CA ASN B 58 -2.15 -9.89 15.30
C ASN B 58 -1.47 -11.19 14.89
N LEU B 59 -0.16 -11.16 14.73
CA LEU B 59 0.56 -12.38 14.32
C LEU B 59 2.01 -12.42 14.81
N HIS B 60 2.52 -13.65 14.93
CA HIS B 60 3.91 -13.87 15.30
C HIS B 60 4.80 -13.41 14.16
N PRO B 61 5.88 -12.65 14.48
CA PRO B 61 6.82 -12.19 13.46
C PRO B 61 7.50 -13.29 12.63
N ASP B 62 7.63 -14.51 13.18
CA ASP B 62 8.14 -15.67 12.41
C ASP B 62 7.23 -15.98 11.22
N VAL B 63 5.93 -15.85 11.44
CA VAL B 63 4.92 -16.00 10.39
C VAL B 63 5.11 -14.93 9.30
N THR B 64 5.23 -13.67 9.70
CA THR B 64 5.39 -12.60 8.71
C THR B 64 6.68 -12.75 7.92
N GLY B 65 7.76 -13.16 8.60
CA GLY B 65 9.01 -13.51 7.92
C GLY B 65 8.81 -14.64 6.90
N ARG B 66 8.06 -15.66 7.29
CA ARG B 66 7.78 -16.80 6.41
C ARG B 66 6.96 -16.36 5.19
N LEU B 67 5.92 -15.55 5.41
CA LEU B 67 5.09 -15.06 4.32
C LEU B 67 5.91 -14.22 3.35
N LEU B 68 6.78 -13.37 3.88
CA LEU B 68 7.66 -12.53 3.07
C LEU B 68 8.66 -13.34 2.24
N SER B 69 9.12 -14.46 2.81
CA SER B 69 10.08 -15.34 2.14
C SER B 69 9.48 -16.03 0.91
N GLN B 70 8.14 -16.04 0.83
CA GLN B 70 7.41 -16.55 -0.32
C GLN B 70 7.38 -15.60 -1.52
N GLY B 71 8.09 -14.48 -1.42
CA GLY B 71 8.27 -13.56 -2.53
C GLY B 71 7.32 -12.38 -2.62
N VAL B 72 6.73 -12.00 -1.49
CA VAL B 72 5.85 -10.81 -1.43
C VAL B 72 6.56 -9.58 -1.99
N ILE B 73 5.89 -8.87 -2.90
CA ILE B 73 6.42 -7.65 -3.51
C ILE B 73 5.82 -6.41 -2.82
N ALA B 74 4.52 -6.43 -2.58
CA ALA B 74 3.85 -5.37 -1.83
C ALA B 74 3.22 -5.94 -0.56
N PHE B 75 3.65 -5.42 0.59
CA PHE B 75 3.16 -5.87 1.89
C PHE B 75 2.50 -4.72 2.66
N ARG B 76 1.18 -4.74 2.73
CA ARG B 76 0.42 -3.77 3.52
C ARG B 76 0.12 -4.37 4.88
N CYS B 77 0.74 -3.82 5.92
CA CYS B 77 0.55 -4.33 7.27
C CYS B 77 0.61 -3.22 8.35
N PRO B 78 -0.14 -2.11 8.14
CA PRO B 78 -0.19 -1.07 9.18
C PRO B 78 -1.06 -1.49 10.36
N ARG B 79 -0.82 -0.87 11.51
CA ARG B 79 -1.67 -1.05 12.70
C ARG B 79 -1.80 -2.52 13.10
N SER B 80 -0.74 -3.27 12.86
CA SER B 80 -0.70 -4.68 13.17
C SER B 80 -0.10 -4.90 14.55
N PHE B 81 -0.06 -6.15 15.00
CA PHE B 81 0.52 -6.51 16.28
C PHE B 81 1.50 -7.66 16.05
N MET B 82 2.79 -7.37 16.24
CA MET B 82 3.84 -8.38 16.17
C MET B 82 4.71 -8.29 17.42
N ASP B 83 4.05 -8.27 18.58
CA ASP B 83 4.69 -7.99 19.86
C ASP B 83 5.28 -9.26 20.52
N GLN B 84 5.92 -10.09 19.71
CA GLN B 84 6.65 -11.27 20.20
C GLN B 84 8.04 -11.27 19.55
N PRO B 85 9.04 -11.89 20.21
CA PRO B 85 10.38 -11.91 19.62
C PRO B 85 10.49 -12.90 18.47
N LEU B 86 11.31 -12.55 17.48
CA LEU B 86 11.64 -13.47 16.40
C LEU B 86 12.39 -14.68 16.93
N ALA B 87 12.06 -15.85 16.41
CA ALA B 87 12.71 -17.09 16.80
C ALA B 87 13.27 -17.86 15.59
N GLU B 88 13.21 -17.24 14.41
CA GLU B 88 13.70 -17.84 13.18
C GLU B 88 14.64 -16.91 12.42
N HIS B 89 15.45 -17.49 11.56
CA HIS B 89 16.35 -16.74 10.69
C HIS B 89 15.80 -16.74 9.27
N PHE B 90 16.06 -15.65 8.56
CA PHE B 90 15.56 -15.51 7.19
C PHE B 90 16.62 -15.07 6.19
N SER B 91 16.40 -15.44 4.95
CA SER B 91 17.21 -15.03 3.80
C SER B 91 16.60 -13.74 3.21
N PRO B 92 17.35 -13.01 2.36
CA PRO B 92 16.83 -11.75 1.79
C PRO B 92 15.40 -11.82 1.23
N PHE B 93 14.59 -10.81 1.53
CA PHE B 93 13.24 -10.68 0.97
C PHE B 93 13.25 -9.87 -0.32
N ARG B 94 12.24 -10.10 -1.17
CA ARG B 94 12.09 -9.37 -2.43
C ARG B 94 11.22 -8.11 -2.31
N VAL B 95 10.61 -7.91 -1.13
CA VAL B 95 9.62 -6.85 -0.91
C VAL B 95 10.10 -5.47 -1.38
N GLN B 96 9.24 -4.81 -2.14
CA GLN B 96 9.54 -3.52 -2.76
C GLN B 96 8.68 -2.39 -2.18
N HIS B 97 7.51 -2.77 -1.65
CA HIS B 97 6.56 -1.82 -1.11
C HIS B 97 6.05 -2.37 0.20
N MET B 98 6.23 -1.60 1.28
CA MET B 98 5.86 -2.07 2.60
C MET B 98 5.36 -0.95 3.53
N ASP B 99 4.22 -1.20 4.15
CA ASP B 99 3.65 -0.31 5.15
C ASP B 99 3.50 -1.04 6.49
N LEU B 100 4.30 -0.63 7.47
CA LEU B 100 4.20 -1.20 8.82
C LEU B 100 3.76 -0.15 9.85
N SER B 101 3.31 1.00 9.37
CA SER B 101 3.06 2.16 10.24
C SER B 101 2.11 1.89 11.39
N ASN B 102 2.45 2.44 12.55
CA ASN B 102 1.56 2.42 13.73
C ASN B 102 1.25 1.01 14.25
N SER B 103 2.17 0.08 13.98
CA SER B 103 2.10 -1.30 14.49
C SER B 103 2.70 -1.41 15.88
N VAL B 104 2.40 -2.51 16.55
CA VAL B 104 3.05 -2.87 17.79
C VAL B 104 4.10 -3.93 17.47
N ILE B 105 5.36 -3.49 17.47
CA ILE B 105 6.48 -4.34 17.10
C ILE B 105 7.73 -3.82 17.78
N GLU B 106 8.49 -4.73 18.39
CA GLU B 106 9.72 -4.37 19.10
C GLU B 106 10.83 -3.98 18.12
N VAL B 107 11.76 -3.18 18.63
CA VAL B 107 12.93 -2.74 17.87
C VAL B 107 13.71 -3.92 17.25
N SER B 108 13.95 -4.97 18.04
CA SER B 108 14.72 -6.12 17.54
C SER B 108 14.01 -6.90 16.42
N THR B 109 12.69 -7.05 16.57
CA THR B 109 11.85 -7.70 15.56
C THR B 109 11.87 -6.91 14.25
N LEU B 110 11.68 -5.60 14.35
CA LEU B 110 11.79 -4.67 13.24
C LEU B 110 13.15 -4.77 12.56
N HIS B 111 14.22 -4.83 13.35
CA HIS B 111 15.56 -5.01 12.83
C HIS B 111 15.72 -6.34 12.08
N GLY B 112 15.23 -7.42 12.69
CA GLY B 112 15.23 -8.75 12.06
C GLY B 112 14.60 -8.74 10.68
N ILE B 113 13.41 -8.14 10.57
CA ILE B 113 12.72 -8.02 9.27
C ILE B 113 13.51 -7.15 8.29
N LEU B 114 13.85 -5.93 8.72
CA LEU B 114 14.46 -4.96 7.81
C LEU B 114 15.89 -5.30 7.39
N SER B 115 16.61 -6.07 8.22
CA SER B 115 17.96 -6.49 7.86
C SER B 115 17.99 -7.38 6.62
N GLN B 116 16.84 -7.95 6.26
CA GLN B 116 16.70 -8.80 5.08
C GLN B 116 16.12 -8.08 3.86
N CYS B 117 15.97 -6.76 3.97
CA CYS B 117 15.40 -5.94 2.89
C CYS B 117 16.44 -5.03 2.24
N SER B 118 16.63 -5.16 0.93
CA SER B 118 17.48 -4.28 0.13
C SER B 118 16.76 -3.69 -1.07
N LYS B 119 15.56 -4.20 -1.35
CA LYS B 119 14.86 -3.86 -2.60
C LYS B 119 13.69 -2.88 -2.44
N LEU B 120 13.55 -2.28 -1.27
CA LEU B 120 12.40 -1.40 -1.02
C LEU B 120 12.44 -0.18 -1.93
N GLN B 121 11.29 0.10 -2.57
CA GLN B 121 11.10 1.31 -3.36
C GLN B 121 10.24 2.30 -2.57
N ASN B 122 9.30 1.76 -1.79
CA ASN B 122 8.38 2.54 -0.99
C ASN B 122 8.26 1.93 0.41
N LEU B 123 8.57 2.73 1.43
CA LEU B 123 8.48 2.24 2.81
C LEU B 123 7.85 3.26 3.77
N SER B 124 6.93 2.79 4.62
CA SER B 124 6.45 3.58 5.74
C SER B 124 6.67 2.86 7.06
N LEU B 125 7.42 3.51 7.96
CA LEU B 125 7.59 3.05 9.33
C LEU B 125 6.98 4.06 10.29
N GLU B 126 6.08 4.90 9.78
CA GLU B 126 5.45 5.97 10.53
C GLU B 126 4.99 5.52 11.92
N GLY B 127 5.42 6.26 12.95
CA GLY B 127 4.94 6.04 14.32
C GLY B 127 5.71 4.98 15.10
N LEU B 128 6.78 4.46 14.51
CA LEU B 128 7.53 3.37 15.12
C LEU B 128 8.85 3.81 15.74
N ARG B 129 9.13 3.29 16.93
CA ARG B 129 10.44 3.40 17.56
C ARG B 129 11.47 2.61 16.76
N LEU B 130 12.56 3.27 16.37
CA LEU B 130 13.63 2.65 15.62
C LEU B 130 14.90 2.61 16.48
N SER B 131 16.05 2.48 15.81
CA SER B 131 17.35 2.44 16.44
C SER B 131 18.39 2.74 15.37
N ASP B 132 19.64 2.96 15.78
CA ASP B 132 20.73 3.14 14.81
C ASP B 132 20.93 1.91 13.89
N PRO B 133 21.01 0.69 14.44
CA PRO B 133 21.09 -0.49 13.55
C PRO B 133 19.95 -0.58 12.52
N ILE B 134 18.72 -0.28 12.94
CA ILE B 134 17.58 -0.23 12.02
C ILE B 134 17.82 0.78 10.89
N VAL B 135 18.10 2.03 11.26
CA VAL B 135 18.29 3.08 10.26
C VAL B 135 19.48 2.77 9.35
N ASN B 136 20.57 2.25 9.93
CA ASN B 136 21.73 1.83 9.16
C ASN B 136 21.39 0.70 8.20
N THR B 137 20.60 -0.27 8.66
CA THR B 137 20.20 -1.38 7.79
C THR B 137 19.22 -0.91 6.69
N LEU B 138 18.43 0.12 6.99
CA LEU B 138 17.56 0.73 5.98
C LEU B 138 18.33 1.30 4.79
N ALA B 139 19.57 1.74 5.05
CA ALA B 139 20.43 2.32 4.03
C ALA B 139 20.84 1.33 2.93
N LYS B 140 20.54 0.05 3.13
CA LYS B 140 20.72 -0.97 2.08
C LYS B 140 19.75 -0.74 0.93
N ASN B 141 18.62 -0.11 1.23
CA ASN B 141 17.57 0.11 0.25
C ASN B 141 17.80 1.38 -0.57
N SER B 142 18.90 1.40 -1.32
CA SER B 142 19.35 2.61 -2.04
C SER B 142 18.44 3.00 -3.21
N ASN B 143 17.45 2.17 -3.52
CA ASN B 143 16.49 2.49 -4.56
C ASN B 143 15.21 3.17 -4.03
N LEU B 144 15.17 3.45 -2.73
CA LEU B 144 14.00 4.08 -2.12
C LEU B 144 13.58 5.32 -2.85
N VAL B 145 12.30 5.36 -3.22
CA VAL B 145 11.71 6.52 -3.89
C VAL B 145 10.83 7.30 -2.89
N ARG B 146 10.11 6.57 -2.04
CA ARG B 146 9.29 7.17 -0.99
C ARG B 146 9.62 6.54 0.36
N LEU B 147 9.96 7.40 1.32
CA LEU B 147 10.28 6.95 2.67
C LEU B 147 9.51 7.77 3.70
N ASN B 148 8.75 7.08 4.56
CA ASN B 148 8.02 7.71 5.63
C ASN B 148 8.54 7.28 6.99
N LEU B 149 9.19 8.22 7.68
CA LEU B 149 9.65 8.00 9.03
C LEU B 149 8.99 8.98 10.02
N SER B 150 7.82 9.48 9.65
CA SER B 150 7.08 10.41 10.51
C SER B 150 6.83 9.81 11.90
N GLY B 151 7.14 10.56 12.96
CA GLY B 151 6.87 10.11 14.33
C GLY B 151 7.82 9.05 14.87
N CYS B 152 8.80 8.66 14.05
CA CYS B 152 9.83 7.68 14.44
C CYS B 152 10.86 8.30 15.38
N SER B 153 11.60 7.46 16.09
CA SER B 153 12.57 7.93 17.08
C SER B 153 13.62 6.85 17.35
N GLY B 154 14.54 7.16 18.25
CA GLY B 154 15.53 6.19 18.71
C GLY B 154 16.82 6.13 17.92
N PHE B 155 17.00 7.06 16.98
CA PHE B 155 18.20 7.06 16.15
C PHE B 155 18.94 8.39 16.15
N SER B 156 20.26 8.30 15.95
CA SER B 156 21.15 9.45 15.98
C SER B 156 21.20 10.16 14.63
N GLU B 157 21.78 11.35 14.61
CA GLU B 157 21.97 12.10 13.38
C GLU B 157 23.01 11.45 12.46
N PHE B 158 23.86 10.59 13.04
CA PHE B 158 24.89 9.87 12.29
C PHE B 158 24.25 8.76 11.44
N ALA B 159 23.35 8.00 12.05
CA ALA B 159 22.55 7.00 11.33
C ALA B 159 21.70 7.65 10.24
N LEU B 160 21.08 8.79 10.55
CA LEU B 160 20.24 9.52 9.59
C LEU B 160 21.04 9.91 8.35
N GLN B 161 22.24 10.43 8.58
CA GLN B 161 23.14 10.84 7.50
C GLN B 161 23.46 9.70 6.53
N THR B 162 23.79 8.54 7.07
CA THR B 162 24.09 7.36 6.25
C THR B 162 22.89 7.00 5.40
N LEU B 163 21.71 6.96 6.02
CA LEU B 163 20.47 6.66 5.30
C LEU B 163 20.22 7.65 4.17
N LEU B 164 20.31 8.95 4.49
CA LEU B 164 20.01 9.99 3.50
C LEU B 164 21.03 10.01 2.35
N SER B 165 22.29 9.74 2.67
CA SER B 165 23.34 9.69 1.65
C SER B 165 23.17 8.49 0.70
N SER B 166 22.68 7.38 1.23
CA SER B 166 22.41 6.17 0.43
C SER B 166 21.23 6.37 -0.53
N CYS B 167 20.16 6.98 -0.04
CA CYS B 167 18.93 7.18 -0.82
C CYS B 167 19.00 8.37 -1.76
N SER B 168 19.85 8.25 -2.78
CA SER B 168 20.15 9.37 -3.66
C SER B 168 19.17 9.52 -4.83
N ARG B 169 18.07 8.76 -4.80
CA ARG B 169 17.01 8.91 -5.80
C ARG B 169 15.66 9.14 -5.13
N LEU B 170 15.70 9.45 -3.83
CA LEU B 170 14.50 9.68 -3.07
C LEU B 170 13.65 10.80 -3.70
N ASP B 171 12.37 10.54 -3.85
CA ASP B 171 11.42 11.50 -4.41
C ASP B 171 10.54 12.12 -3.32
N GLU B 172 10.03 11.29 -2.40
CA GLU B 172 9.22 11.74 -1.28
C GLU B 172 9.84 11.36 0.07
N LEU B 173 10.06 12.34 0.93
CA LEU B 173 10.50 12.09 2.30
C LEU B 173 9.58 12.75 3.32
N ASN B 174 8.98 11.93 4.17
CA ASN B 174 8.26 12.42 5.33
C ASN B 174 9.13 12.14 6.55
N LEU B 175 9.76 13.20 7.07
CA LEU B 175 10.64 13.09 8.23
C LEU B 175 10.16 14.08 9.29
N SER B 176 8.86 14.03 9.57
CA SER B 176 8.20 14.99 10.45
C SER B 176 7.92 14.40 11.83
N TRP B 177 7.87 15.27 12.84
CA TRP B 177 7.47 14.87 14.19
C TRP B 177 8.31 13.74 14.81
N CYS B 178 9.55 13.62 14.37
CA CYS B 178 10.48 12.73 15.04
C CYS B 178 10.88 13.43 16.34
N PHE B 179 10.15 13.10 17.41
CA PHE B 179 10.12 13.91 18.62
C PHE B 179 11.45 14.07 19.38
N ASP B 180 12.37 13.12 19.22
CA ASP B 180 13.64 13.18 19.93
C ASP B 180 14.75 13.86 19.10
N PHE B 181 14.38 14.39 17.93
CA PHE B 181 15.31 15.15 17.10
C PHE B 181 15.85 16.38 17.84
N THR B 182 17.15 16.62 17.66
CA THR B 182 17.77 17.87 18.07
C THR B 182 18.06 18.66 16.79
N GLU B 183 18.66 19.84 16.96
CA GLU B 183 19.08 20.65 15.81
C GLU B 183 20.10 19.94 14.93
N LYS B 184 20.81 18.97 15.50
CA LYS B 184 21.78 18.15 14.73
C LYS B 184 21.06 17.32 13.66
N HIS B 185 19.99 16.65 14.06
CA HIS B 185 19.16 15.86 13.15
C HIS B 185 18.61 16.73 12.03
N VAL B 186 18.06 17.89 12.40
CA VAL B 186 17.46 18.80 11.43
C VAL B 186 18.52 19.27 10.43
N GLN B 187 19.70 19.61 10.95
CA GLN B 187 20.78 20.11 10.11
C GLN B 187 21.33 19.02 9.19
N VAL B 188 21.49 17.80 9.73
CA VAL B 188 21.83 16.64 8.92
C VAL B 188 20.76 16.43 7.83
N ALA B 189 19.48 16.51 8.21
CA ALA B 189 18.40 16.31 7.26
C ALA B 189 18.52 17.22 6.04
N VAL B 190 18.66 18.53 6.27
CA VAL B 190 18.67 19.50 5.16
C VAL B 190 19.95 19.44 4.33
N ALA B 191 21.04 19.07 4.98
CA ALA B 191 22.34 18.98 4.32
C ALA B 191 22.56 17.63 3.62
N HIS B 192 21.75 16.63 3.96
CA HIS B 192 21.95 15.30 3.37
C HIS B 192 20.83 14.70 2.52
N VAL B 193 19.62 15.28 2.57
CA VAL B 193 18.55 14.81 1.68
C VAL B 193 19.05 14.88 0.26
N SER B 194 18.66 13.89 -0.54
CA SER B 194 18.98 13.87 -1.96
C SER B 194 18.46 15.12 -2.66
N GLU B 195 19.31 15.69 -3.53
CA GLU B 195 18.97 16.79 -4.45
C GLU B 195 17.76 16.47 -5.32
N THR B 196 17.47 15.18 -5.50
CA THR B 196 16.36 14.73 -6.32
C THR B 196 14.97 14.92 -5.68
N ILE B 197 14.95 15.14 -4.37
CA ILE B 197 13.69 15.20 -3.60
C ILE B 197 12.70 16.22 -4.17
N THR B 198 11.46 15.79 -4.40
CA THR B 198 10.40 16.72 -4.83
C THR B 198 9.32 16.94 -3.76
N GLN B 199 9.32 16.08 -2.73
CA GLN B 199 8.34 16.21 -1.65
C GLN B 199 9.01 16.00 -0.31
N LEU B 200 8.98 17.03 0.51
CA LEU B 200 9.57 16.99 1.83
C LEU B 200 8.60 17.48 2.89
N ASN B 201 8.39 16.64 3.89
CA ASN B 201 7.67 17.05 5.09
C ASN B 201 8.65 17.05 6.24
N LEU B 202 8.98 18.24 6.73
CA LEU B 202 9.94 18.39 7.81
C LEU B 202 9.29 19.22 8.91
N SER B 203 8.02 18.94 9.14
CA SER B 203 7.25 19.70 10.12
C SER B 203 7.49 19.19 11.54
N GLY B 204 7.26 20.07 12.52
CA GLY B 204 7.24 19.68 13.91
C GLY B 204 8.49 19.93 14.74
N TYR B 205 9.46 20.66 14.20
CA TYR B 205 10.73 20.87 14.92
C TYR B 205 10.88 22.21 15.64
N ARG B 206 9.95 23.12 15.40
CA ARG B 206 9.85 24.39 16.12
C ARG B 206 11.19 25.11 16.20
N LYS B 207 11.55 25.62 17.37
CA LYS B 207 12.97 26.06 17.57
C LYS B 207 14.21 25.35 17.06
N ASN B 208 14.10 24.06 16.74
CA ASN B 208 15.26 23.30 16.23
C ASN B 208 15.44 23.41 14.74
N LEU B 209 14.51 24.08 14.07
CA LEU B 209 14.63 24.38 12.65
C LEU B 209 14.76 25.88 12.48
N GLN B 210 15.88 26.31 11.91
CA GLN B 210 16.20 27.73 11.74
C GLN B 210 16.07 28.14 10.28
N LYS B 211 16.03 29.45 10.05
CA LYS B 211 15.96 30.01 8.70
C LYS B 211 17.12 29.55 7.81
N SER B 212 18.30 29.41 8.40
CA SER B 212 19.48 28.92 7.67
C SER B 212 19.31 27.48 7.16
N ASP B 213 18.56 26.68 7.91
CA ASP B 213 18.21 25.31 7.47
C ASP B 213 17.35 25.32 6.22
N LEU B 214 16.38 26.23 6.17
CA LEU B 214 15.60 26.47 4.96
C LEU B 214 16.51 26.87 3.80
N SER B 215 17.47 27.75 4.09
CA SER B 215 18.44 28.22 3.08
C SER B 215 19.26 27.08 2.52
N THR B 216 19.83 26.26 3.40
CA THR B 216 20.56 25.05 2.99
C THR B 216 19.68 24.21 2.05
N LEU B 217 18.47 23.92 2.50
CA LEU B 217 17.53 23.08 1.78
C LEU B 217 17.25 23.57 0.37
N VAL B 218 16.86 24.84 0.26
CA VAL B 218 16.53 25.46 -1.02
C VAL B 218 17.73 25.47 -1.97
N ARG B 219 18.90 25.74 -1.42
CA ARG B 219 20.17 25.73 -2.15
C ARG B 219 20.44 24.34 -2.74
N ARG B 220 20.25 23.32 -1.90
CA ARG B 220 20.56 21.92 -2.27
C ARG B 220 19.47 21.24 -3.08
N CYS B 221 18.21 21.60 -2.83
CA CYS B 221 17.07 20.88 -3.42
C CYS B 221 16.15 21.77 -4.26
N PRO B 222 16.57 22.10 -5.50
CA PRO B 222 15.80 23.03 -6.33
C PRO B 222 14.52 22.45 -6.95
N ASN B 223 14.29 21.15 -6.80
CA ASN B 223 13.16 20.49 -7.48
C ASN B 223 11.92 20.29 -6.62
N LEU B 224 11.93 20.84 -5.41
CA LEU B 224 10.81 20.68 -4.47
C LEU B 224 9.50 21.15 -5.04
N VAL B 225 8.50 20.26 -5.00
CA VAL B 225 7.15 20.55 -5.46
C VAL B 225 6.21 20.67 -4.24
N HIS B 226 6.38 19.80 -3.26
CA HIS B 226 5.66 19.85 -1.99
C HIS B 226 6.67 20.15 -0.90
N LEU B 227 6.43 21.22 -0.14
CA LEU B 227 7.27 21.52 1.01
C LEU B 227 6.41 21.85 2.22
N ASP B 228 6.50 21.01 3.24
CA ASP B 228 5.68 21.17 4.42
C ASP B 228 6.58 21.48 5.60
N LEU B 229 6.47 22.71 6.08
CA LEU B 229 7.27 23.18 7.21
C LEU B 229 6.35 23.71 8.31
N SER B 230 5.20 23.04 8.47
CA SER B 230 4.28 23.34 9.56
C SER B 230 5.00 23.26 10.90
N ASP B 231 4.54 24.06 11.85
CA ASP B 231 5.09 24.12 13.21
C ASP B 231 6.58 24.44 13.27
N SER B 232 6.98 25.43 12.46
CA SER B 232 8.34 25.91 12.43
C SER B 232 8.36 27.40 12.78
N VAL B 233 8.33 27.67 14.09
CA VAL B 233 8.15 29.01 14.65
C VAL B 233 9.17 30.04 14.16
N MET B 234 10.38 29.56 13.84
CA MET B 234 11.49 30.45 13.43
C MET B 234 11.31 31.03 12.04
N LEU B 235 10.37 30.50 11.27
CA LEU B 235 10.16 30.97 9.90
C LEU B 235 9.15 32.11 9.85
N LYS B 236 9.61 33.28 9.40
CA LYS B 236 8.78 34.48 9.27
C LYS B 236 8.85 34.97 7.82
N ASN B 237 8.31 36.15 7.55
CA ASN B 237 8.29 36.70 6.19
C ASN B 237 9.68 37.00 5.62
N ASP B 238 10.66 37.18 6.49
CA ASP B 238 12.04 37.41 6.06
C ASP B 238 12.69 36.18 5.40
N CYS B 239 12.01 35.02 5.47
CA CYS B 239 12.49 33.81 4.81
C CYS B 239 11.81 33.57 3.46
N PHE B 240 10.78 34.37 3.16
CA PHE B 240 9.90 34.13 2.01
C PHE B 240 10.57 34.13 0.65
N GLN B 241 11.64 34.90 0.50
CA GLN B 241 12.37 34.99 -0.77
C GLN B 241 13.03 33.66 -1.12
N GLU B 242 13.27 32.84 -0.10
CA GLU B 242 13.80 31.50 -0.26
C GLU B 242 12.89 30.61 -1.12
N PHE B 243 11.58 30.77 -0.95
CA PHE B 243 10.59 30.00 -1.72
C PHE B 243 10.56 30.37 -3.20
N PHE B 244 11.00 31.58 -3.52
CA PHE B 244 11.09 32.04 -4.91
C PHE B 244 12.26 31.38 -5.66
N GLN B 245 13.20 30.81 -4.92
CA GLN B 245 14.28 30.01 -5.52
C GLN B 245 13.80 28.62 -5.95
N LEU B 246 12.57 28.28 -5.60
CA LEU B 246 12.00 26.98 -5.94
C LEU B 246 11.05 27.10 -7.13
N ASN B 247 11.60 26.93 -8.33
CA ASN B 247 10.86 27.13 -9.58
C ASN B 247 9.74 26.12 -9.87
N TYR B 248 9.60 25.11 -9.01
CA TYR B 248 8.57 24.07 -9.22
C TYR B 248 7.59 23.94 -8.05
N LEU B 249 7.82 24.73 -7.01
CA LEU B 249 6.99 24.68 -5.80
C LEU B 249 5.50 24.91 -6.10
N GLN B 250 4.68 23.92 -5.75
CA GLN B 250 3.24 23.98 -5.94
C GLN B 250 2.46 23.96 -4.62
N HIS B 251 3.03 23.31 -3.61
CA HIS B 251 2.31 23.07 -2.36
C HIS B 251 3.17 23.39 -1.15
N LEU B 252 2.82 24.46 -0.46
CA LEU B 252 3.57 24.94 0.68
C LEU B 252 2.70 24.91 1.93
N SER B 253 3.30 24.51 3.06
CA SER B 253 2.58 24.50 4.32
C SER B 253 3.43 25.19 5.38
N LEU B 254 2.80 26.15 6.08
CA LEU B 254 3.48 26.96 7.08
C LEU B 254 2.55 27.18 8.27
N SER B 255 1.74 26.18 8.59
CA SER B 255 0.81 26.23 9.70
C SER B 255 1.51 26.42 11.04
N ARG B 256 0.96 27.31 11.86
CA ARG B 256 1.51 27.63 13.20
C ARG B 256 2.93 28.16 13.16
N CYS B 257 3.32 28.74 12.02
CA CYS B 257 4.51 29.57 11.99
C CYS B 257 4.05 30.94 12.50
N TYR B 258 3.91 31.02 13.82
CA TYR B 258 3.13 32.07 14.49
C TYR B 258 3.59 33.52 14.27
N ASP B 259 4.86 33.70 13.92
CA ASP B 259 5.42 35.03 13.79
C ASP B 259 5.24 35.63 12.40
N ILE B 260 4.49 34.92 11.56
CA ILE B 260 4.10 35.42 10.24
C ILE B 260 2.88 36.33 10.38
N ILE B 261 3.03 37.59 9.96
CA ILE B 261 1.93 38.56 9.93
C ILE B 261 1.02 38.20 8.75
N PRO B 262 -0.28 38.01 9.00
CA PRO B 262 -1.19 37.50 7.95
C PRO B 262 -1.05 38.22 6.61
N GLU B 263 -0.95 39.55 6.65
CA GLU B 263 -0.74 40.40 5.47
C GLU B 263 0.42 39.98 4.58
N THR B 264 1.51 39.54 5.19
CA THR B 264 2.74 39.20 4.45
C THR B 264 2.60 37.95 3.57
N LEU B 265 1.58 37.13 3.85
CA LEU B 265 1.33 35.92 3.06
C LEU B 265 1.00 36.27 1.62
N LEU B 266 0.63 37.54 1.40
CA LEU B 266 0.36 38.07 0.06
C LEU B 266 1.55 37.90 -0.88
N GLU B 267 2.76 37.98 -0.31
CA GLU B 267 3.99 37.73 -1.05
C GLU B 267 3.99 36.37 -1.74
N LEU B 268 3.55 35.34 -1.01
CA LEU B 268 3.53 33.97 -1.53
C LEU B 268 2.65 33.82 -2.76
N GLY B 269 1.67 34.73 -2.90
CA GLY B 269 0.84 34.81 -4.10
C GLY B 269 1.63 35.16 -5.36
N GLU B 270 2.86 35.64 -5.17
CA GLU B 270 3.72 36.00 -6.31
C GLU B 270 4.53 34.82 -6.84
N ILE B 271 4.60 33.72 -6.08
CA ILE B 271 5.24 32.49 -6.56
C ILE B 271 4.40 31.93 -7.71
N PRO B 272 4.97 31.95 -8.94
CA PRO B 272 4.19 31.68 -10.16
C PRO B 272 3.60 30.27 -10.24
N THR B 273 4.24 29.31 -9.57
CA THR B 273 3.85 27.89 -9.67
C THR B 273 2.96 27.42 -8.51
N LEU B 274 2.82 28.24 -7.48
CA LEU B 274 2.07 27.86 -6.28
C LEU B 274 0.59 27.61 -6.57
N LYS B 275 0.07 26.53 -6.00
CA LYS B 275 -1.32 26.12 -6.19
C LYS B 275 -2.10 26.11 -4.87
N THR B 276 -1.44 25.68 -3.79
CA THR B 276 -2.09 25.52 -2.50
C THR B 276 -1.21 26.02 -1.39
N LEU B 277 -1.84 26.45 -0.29
CA LEU B 277 -1.12 26.95 0.86
C LEU B 277 -1.86 26.56 2.12
N GLN B 278 -1.14 25.97 3.06
CA GLN B 278 -1.71 25.68 4.37
C GLN B 278 -1.09 26.62 5.36
N VAL B 279 -1.94 27.39 6.02
CA VAL B 279 -1.51 28.33 7.05
C VAL B 279 -2.48 28.28 8.22
N PHE B 280 -2.78 27.06 8.69
CA PHE B 280 -3.67 26.88 9.84
C PHE B 280 -3.04 27.54 11.08
N GLY B 281 -3.91 28.05 11.95
CA GLY B 281 -3.49 28.60 13.23
C GLY B 281 -2.88 30.00 13.25
N ILE B 282 -2.70 30.62 12.08
CA ILE B 282 -2.06 31.95 12.02
C ILE B 282 -2.93 33.04 11.39
N VAL B 283 -4.13 32.68 11.00
CA VAL B 283 -5.10 33.62 10.44
C VAL B 283 -6.18 33.92 11.48
N PRO B 284 -6.29 35.20 11.91
CA PRO B 284 -7.25 35.60 12.96
C PRO B 284 -8.67 35.28 12.55
N ASP B 285 -9.47 34.80 13.50
CA ASP B 285 -10.87 34.43 13.25
C ASP B 285 -11.65 35.58 12.63
N GLY B 286 -12.33 35.28 11.53
CA GLY B 286 -13.10 36.27 10.80
C GLY B 286 -12.34 36.95 9.67
N THR B 287 -11.13 36.49 9.38
CA THR B 287 -10.33 37.09 8.31
C THR B 287 -9.95 36.11 7.19
N LEU B 288 -10.12 34.81 7.42
CA LEU B 288 -9.68 33.79 6.46
C LEU B 288 -10.20 34.00 5.04
N GLN B 289 -11.47 34.33 4.90
CA GLN B 289 -12.05 34.58 3.58
C GLN B 289 -11.42 35.79 2.88
N LEU B 290 -10.88 36.72 3.66
CA LEU B 290 -10.14 37.85 3.10
C LEU B 290 -8.87 37.36 2.41
N LEU B 291 -8.09 36.55 3.13
CA LEU B 291 -6.91 35.91 2.55
C LEU B 291 -7.24 35.15 1.28
N LYS B 292 -8.29 34.31 1.35
CA LYS B 292 -8.74 33.52 0.21
C LYS B 292 -9.10 34.36 -0.99
N GLU B 293 -9.92 35.39 -0.78
CA GLU B 293 -10.35 36.26 -1.87
C GLU B 293 -9.23 37.17 -2.37
N ALA B 294 -8.27 37.47 -1.50
CA ALA B 294 -7.08 38.22 -1.89
C ALA B 294 -6.16 37.39 -2.80
N LEU B 295 -6.16 36.08 -2.61
CA LEU B 295 -5.33 35.18 -3.40
C LEU B 295 -6.18 34.08 -4.06
N PRO B 296 -7.04 34.47 -5.01
CA PRO B 296 -8.06 33.55 -5.53
C PRO B 296 -7.51 32.49 -6.49
N HIS B 297 -6.25 32.61 -6.88
CA HIS B 297 -5.60 31.59 -7.71
C HIS B 297 -5.09 30.43 -6.84
N LEU B 298 -5.17 30.58 -5.52
CA LEU B 298 -4.68 29.57 -4.58
C LEU B 298 -5.81 28.87 -3.85
N GLN B 299 -5.57 27.63 -3.50
CA GLN B 299 -6.44 26.90 -2.57
C GLN B 299 -5.78 27.02 -1.21
N ILE B 300 -6.48 27.64 -0.25
CA ILE B 300 -5.87 27.94 1.04
C ILE B 300 -6.60 27.25 2.18
N ASN B 301 -5.83 26.54 3.02
CA ASN B 301 -6.37 25.81 4.18
C ASN B 301 -7.45 24.76 3.85
N CYS B 302 -7.30 24.11 2.70
CA CYS B 302 -8.22 23.05 2.28
C CYS B 302 -7.67 21.62 2.44
N SER B 303 -6.38 21.51 2.82
CA SER B 303 -5.74 20.22 3.05
C SER B 303 -5.17 20.13 4.46
N HIS B 304 -5.96 19.57 5.36
CA HIS B 304 -5.50 19.37 6.74
C HIS B 304 -4.37 18.35 6.83
N PHE B 305 -4.34 17.43 5.87
CA PHE B 305 -3.47 16.25 5.97
C PHE B 305 -2.38 16.21 4.92
N THR B 306 -1.26 15.59 5.28
CA THR B 306 -0.16 15.38 4.34
C THR B 306 -0.35 14.08 3.58
N THR B 307 0.05 14.09 2.30
CA THR B 307 0.08 12.91 1.47
C THR B 307 1.53 12.45 1.26
N ILE B 308 2.48 13.19 1.83
CA ILE B 308 3.89 12.97 1.55
C ILE B 308 4.38 11.64 2.13
N ALA B 309 4.79 10.74 1.22
CA ALA B 309 5.23 9.39 1.55
C ALA B 309 4.18 8.57 2.32
N ARG B 310 2.91 8.95 2.16
CA ARG B 310 1.79 8.21 2.74
C ARG B 310 1.30 7.16 1.74
N PRO B 311 1.32 5.86 2.14
CA PRO B 311 0.89 4.78 1.23
C PRO B 311 -0.58 4.77 0.87
N THR B 312 -1.44 5.22 1.80
CA THR B 312 -2.88 5.09 1.64
C THR B 312 -3.59 6.32 2.17
N ILE B 313 -4.32 6.99 1.29
CA ILE B 313 -4.99 8.25 1.62
C ILE B 313 -6.42 8.31 1.07
N GLY B 314 -7.25 9.12 1.74
CA GLY B 314 -8.54 9.56 1.20
C GLY B 314 -9.59 8.51 0.83
N ASN B 315 -10.51 8.94 -0.03
CA ASN B 315 -11.72 8.18 -0.44
C ASN B 315 -12.25 7.15 0.59
N LYS B 316 -12.35 7.62 1.81
CA LYS B 316 -12.85 6.89 3.01
C LYS B 316 -12.66 5.35 2.91
N LYS B 317 -12.48 4.62 1.86
CA LYS B 317 -12.25 3.12 2.13
C LYS B 317 -10.74 2.99 1.88
N ASN B 318 -10.35 3.03 0.61
CA ASN B 318 -8.97 2.84 0.15
C ASN B 318 -8.14 1.77 0.89
N GLN B 319 -7.90 0.66 0.21
CA GLN B 319 -7.05 -0.40 0.75
C GLN B 319 -5.78 -0.57 -0.10
N GLU B 320 -5.51 0.40 -0.96
CA GLU B 320 -4.34 0.37 -1.83
C GLU B 320 -3.08 0.87 -1.11
N ILE B 321 -1.95 0.31 -1.49
CA ILE B 321 -0.66 0.71 -0.95
C ILE B 321 0.15 1.30 -2.11
N TRP B 322 0.34 2.62 -2.10
CA TRP B 322 0.90 3.38 -3.22
C TRP B 322 0.30 2.95 -4.58
N GLY B 323 -1.03 2.91 -4.63
CA GLY B 323 -1.75 2.56 -5.85
C GLY B 323 -1.86 1.08 -6.17
N ILE B 324 -1.24 0.23 -5.34
CA ILE B 324 -1.30 -1.22 -5.56
C ILE B 324 -2.41 -1.86 -4.74
N LYS B 325 -3.33 -2.53 -5.43
CA LYS B 325 -4.37 -3.31 -4.77
C LYS B 325 -3.80 -4.68 -4.41
N CYS B 326 -3.98 -5.10 -3.16
CA CYS B 326 -3.46 -6.38 -2.70
C CYS B 326 -4.44 -7.51 -2.96
N ARG B 327 -3.96 -8.56 -3.61
CA ARG B 327 -4.80 -9.68 -4.00
C ARG B 327 -5.14 -10.57 -2.78
N LEU B 328 -4.14 -10.88 -1.97
CA LEU B 328 -4.36 -11.65 -0.74
C LEU B 328 -4.61 -10.73 0.45
N THR B 329 -5.78 -10.90 1.05
CA THR B 329 -6.26 -10.03 2.10
C THR B 329 -7.19 -10.82 3.02
N LEU B 330 -7.40 -10.30 4.23
CA LEU B 330 -8.42 -10.83 5.13
C LEU B 330 -9.64 -9.91 5.12
N GLN B 331 -9.63 -8.98 4.15
CA GLN B 331 -10.68 -7.99 3.91
C GLN B 331 -10.87 -7.00 5.07
N GLN C 1 -17.43 22.65 21.83
CA GLN C 1 -17.80 21.55 20.89
C GLN C 1 -16.89 20.32 21.01
N ILE C 2 -15.57 20.54 21.01
CA ILE C 2 -14.60 19.45 21.19
C ILE C 2 -14.40 19.17 22.69
N TYR C 3 -14.65 17.92 23.09
CA TYR C 3 -14.43 17.50 24.48
C TYR C 3 -13.03 16.90 24.67
N TYR C 4 -12.37 17.32 25.75
CA TYR C 4 -11.06 16.83 26.13
C TYR C 4 -11.15 16.13 27.48
N SER C 5 -10.85 14.84 27.49
CA SER C 5 -10.94 14.04 28.71
C SER C 5 -9.82 14.38 29.68
N ASP C 6 -9.97 13.92 30.92
CA ASP C 6 -8.90 14.00 31.92
C ASP C 6 -7.81 13.00 31.56
N LYS C 7 -6.61 13.25 32.05
CA LYS C 7 -5.45 12.43 31.76
C LYS C 7 -5.15 11.45 32.89
N TYR C 8 -4.83 10.22 32.52
CA TYR C 8 -4.32 9.23 33.47
C TYR C 8 -3.04 8.63 32.90
N ASP C 9 -2.23 8.01 33.74
CA ASP C 9 -0.98 7.43 33.30
C ASP C 9 -0.70 6.02 33.79
N ASP C 10 0.25 5.35 33.14
CA ASP C 10 0.88 4.15 33.68
C ASP C 10 2.34 4.49 34.00
N GLU C 11 3.20 3.48 34.19
CA GLU C 11 4.60 3.75 34.48
C GLU C 11 5.35 4.40 33.30
N GLU C 12 4.70 4.43 32.13
CA GLU C 12 5.37 4.84 30.90
C GLU C 12 4.71 6.03 30.19
N PHE C 13 3.39 6.00 30.04
CA PHE C 13 2.68 7.01 29.25
C PHE C 13 1.56 7.67 30.04
N GLU C 14 1.25 8.90 29.64
CA GLU C 14 0.02 9.58 30.03
C GLU C 14 -0.98 9.41 28.88
N TYR C 15 -2.26 9.31 29.20
CA TYR C 15 -3.31 9.04 28.21
C TYR C 15 -4.47 10.01 28.30
N ARG C 16 -5.00 10.40 27.15
CA ARG C 16 -6.23 11.17 27.03
C ARG C 16 -6.98 10.72 25.78
N HIS C 17 -8.30 10.90 25.78
CA HIS C 17 -9.09 10.83 24.56
C HIS C 17 -9.78 12.16 24.27
N VAL C 18 -10.09 12.38 23.00
CA VAL C 18 -10.73 13.61 22.56
C VAL C 18 -11.98 13.24 21.78
N MET C 19 -13.11 13.82 22.16
CA MET C 19 -14.37 13.56 21.48
C MET C 19 -14.71 14.72 20.55
N LEU C 20 -14.87 14.41 19.26
CA LEU C 20 -15.11 15.40 18.23
C LEU C 20 -16.59 15.53 17.92
N PRO C 21 -17.06 16.75 17.62
CA PRO C 21 -18.41 16.96 17.09
C PRO C 21 -18.51 16.41 15.67
N LYS C 22 -19.73 16.16 15.21
CA LYS C 22 -19.98 15.47 13.94
C LYS C 22 -19.33 16.10 12.71
N ASP C 23 -19.23 17.43 12.69
CA ASP C 23 -18.69 18.16 11.54
C ASP C 23 -17.17 18.01 11.39
N ILE C 24 -16.46 17.98 12.52
CA ILE C 24 -15.02 17.78 12.52
C ILE C 24 -14.71 16.29 12.36
N ALA C 25 -15.52 15.45 13.00
CA ALA C 25 -15.36 14.01 12.98
C ALA C 25 -15.36 13.42 11.56
N LYS C 26 -16.11 14.02 10.65
CA LYS C 26 -16.21 13.53 9.27
C LYS C 26 -14.91 13.71 8.47
N LEU C 27 -13.99 14.52 8.99
CA LEU C 27 -12.72 14.78 8.32
C LEU C 27 -11.62 13.81 8.75
N VAL C 28 -11.82 13.13 9.88
CA VAL C 28 -10.82 12.23 10.47
C VAL C 28 -10.43 11.12 9.49
N PRO C 29 -9.13 10.98 9.21
CA PRO C 29 -8.68 9.92 8.31
C PRO C 29 -9.02 8.52 8.83
N LYS C 30 -9.24 7.62 7.88
CA LYS C 30 -9.58 6.24 8.15
C LYS C 30 -8.37 5.33 7.86
N THR C 31 -7.43 5.86 7.08
CA THR C 31 -6.36 5.05 6.47
C THR C 31 -4.97 5.36 7.04
N HIS C 32 -4.90 6.27 8.00
CA HIS C 32 -3.65 6.59 8.69
C HIS C 32 -3.96 7.33 9.97
N LEU C 33 -2.93 7.52 10.79
CA LEU C 33 -3.07 8.32 11.99
C LEU C 33 -2.60 9.75 11.75
N MET C 34 -2.98 10.65 12.66
CA MET C 34 -2.66 12.05 12.50
C MET C 34 -1.41 12.45 13.28
N SER C 35 -0.47 13.09 12.57
CA SER C 35 0.65 13.74 13.21
C SER C 35 0.11 14.97 13.97
N GLU C 36 0.93 15.54 14.85
CA GLU C 36 0.53 16.73 15.60
C GLU C 36 0.12 17.90 14.68
N SER C 37 0.82 18.09 13.56
CA SER C 37 0.44 19.13 12.60
C SER C 37 -0.97 18.90 12.09
N GLU C 38 -1.28 17.63 11.85
CA GLU C 38 -2.56 17.24 11.27
C GLU C 38 -3.72 17.39 12.25
N TRP C 39 -3.58 16.91 13.49
CA TRP C 39 -4.67 17.08 14.43
C TRP C 39 -4.86 18.53 14.92
N ARG C 40 -3.76 19.30 14.96
CA ARG C 40 -3.86 20.74 15.22
C ARG C 40 -4.57 21.46 14.07
N ASN C 41 -4.29 21.05 12.83
CA ASN C 41 -4.97 21.57 11.63
C ASN C 41 -6.48 21.37 11.73
N LEU C 42 -6.88 20.22 12.30
CA LEU C 42 -8.27 19.87 12.52
C LEU C 42 -8.98 20.74 13.55
N GLY C 43 -8.20 21.35 14.44
CA GLY C 43 -8.75 22.20 15.50
C GLY C 43 -8.57 21.64 16.89
N VAL C 44 -7.94 20.48 16.99
CA VAL C 44 -7.67 19.88 18.30
C VAL C 44 -6.60 20.72 19.01
N GLN C 45 -6.91 21.10 20.25
CA GLN C 45 -6.05 21.98 21.04
C GLN C 45 -5.67 21.29 22.34
N GLN C 46 -4.39 21.00 22.49
CA GLN C 46 -3.86 20.47 23.72
C GLN C 46 -2.40 20.87 23.84
N SER C 47 -1.71 20.35 24.86
CA SER C 47 -0.28 20.60 25.01
C SER C 47 0.56 19.85 23.97
N GLN C 48 1.87 20.05 24.04
CA GLN C 48 2.82 19.43 23.11
C GLN C 48 3.13 17.99 23.53
N GLY C 49 3.49 17.16 22.55
CA GLY C 49 3.98 15.81 22.82
C GLY C 49 2.94 14.70 22.78
N TRP C 50 1.67 15.06 22.68
CA TRP C 50 0.60 14.07 22.55
C TRP C 50 0.69 13.42 21.16
N VAL C 51 0.59 12.10 21.13
CA VAL C 51 0.66 11.33 19.89
C VAL C 51 -0.64 10.55 19.69
N HIS C 52 -1.29 10.79 18.57
CA HIS C 52 -2.42 10.01 18.12
C HIS C 52 -1.87 8.65 17.65
N TYR C 53 -2.02 7.63 18.49
CA TYR C 53 -1.24 6.41 18.34
C TYR C 53 -2.03 5.17 17.87
N MET C 54 -3.35 5.27 17.89
CA MET C 54 -4.21 4.18 17.41
C MET C 54 -5.57 4.69 16.98
N ILE C 55 -6.21 3.92 16.09
CA ILE C 55 -7.57 4.21 15.66
C ILE C 55 -8.53 3.34 16.45
N HIS C 56 -9.49 3.99 17.12
CA HIS C 56 -10.59 3.31 17.76
C HIS C 56 -11.73 3.19 16.75
N GLU C 57 -11.74 2.06 16.03
CA GLU C 57 -12.62 1.84 14.87
C GLU C 57 -14.12 1.94 15.18
N PRO C 58 -14.59 1.37 16.31
CA PRO C 58 -16.02 1.48 16.63
C PRO C 58 -16.54 2.93 16.73
N GLU C 59 -15.67 3.87 17.09
CA GLU C 59 -16.06 5.27 17.33
C GLU C 59 -15.05 6.24 16.73
N PRO C 60 -15.12 6.46 15.40
CA PRO C 60 -14.11 7.28 14.69
C PRO C 60 -14.00 8.71 15.22
N HIS C 61 -15.05 9.21 15.86
CA HIS C 61 -15.06 10.57 16.41
C HIS C 61 -14.29 10.70 17.70
N ILE C 62 -13.81 9.58 18.23
CA ILE C 62 -13.00 9.57 19.45
C ILE C 62 -11.54 9.33 19.11
N LEU C 63 -10.68 10.27 19.51
CA LEU C 63 -9.26 10.22 19.21
C LEU C 63 -8.47 9.86 20.44
N LEU C 64 -7.64 8.83 20.32
CA LEU C 64 -6.83 8.33 21.43
C LEU C 64 -5.41 8.85 21.37
N PHE C 65 -4.99 9.47 22.47
CA PHE C 65 -3.68 10.10 22.57
C PHE C 65 -2.85 9.53 23.71
N ARG C 66 -1.54 9.57 23.55
CA ARG C 66 -0.62 9.21 24.62
C ARG C 66 0.65 10.04 24.48
N ARG C 67 1.36 10.23 25.59
CA ARG C 67 2.66 10.88 25.55
C ARG C 67 3.58 10.31 26.62
N PRO C 68 4.89 10.21 26.30
CA PRO C 68 5.84 9.62 27.26
C PRO C 68 5.93 10.46 28.53
N LEU C 69 5.97 9.76 29.67
CA LEU C 69 5.99 10.40 30.97
C LEU C 69 7.36 11.01 31.24
N ALA D 1 6.45 33.89 18.91
CA ALA D 1 5.66 32.66 19.21
C ALA D 1 4.35 32.99 19.92
N GLY D 2 3.37 33.46 19.13
CA GLY D 2 2.02 33.75 19.63
C GLY D 2 1.16 32.51 19.76
N SER D 3 -0.07 32.70 20.22
CA SER D 3 -1.07 31.61 20.42
C SER D 3 -0.55 30.44 21.26
N VAL D 4 -1.08 30.30 22.47
CA VAL D 4 -0.63 29.26 23.40
C VAL D 4 -1.17 27.87 23.01
N GLU D 5 -0.28 26.88 23.02
CA GLU D 5 -0.67 25.51 22.74
C GLU D 5 -0.86 24.74 24.04
N GLN D 6 -2.12 24.66 24.46
CA GLN D 6 -2.50 23.96 25.68
C GLN D 6 -3.96 23.56 25.56
N TPO D 7 -4.39 22.66 26.43
CA TPO D 7 -5.79 22.23 26.47
CB TPO D 7 -5.90 20.97 27.33
CG2 TPO D 7 -7.26 20.30 27.19
OG1 TPO D 7 -4.90 20.03 26.93
P TPO D 7 -3.60 19.69 27.81
O1P TPO D 7 -4.18 18.94 28.98
O2P TPO D 7 -2.95 21.02 28.13
O3P TPO D 7 -2.77 18.83 26.90
C TPO D 7 -6.67 23.35 26.98
O TPO D 7 -6.31 24.04 27.92
N PRO D 8 -7.84 23.55 26.33
CA PRO D 8 -8.82 24.51 26.85
C PRO D 8 -9.31 24.11 28.23
N LYS D 9 -9.56 25.11 29.08
CA LYS D 9 -10.08 24.86 30.44
C LYS D 9 -11.51 24.32 30.40
N LYS D 10 -11.86 23.49 31.38
CA LYS D 10 -13.13 22.78 31.41
C LYS D 10 -14.37 23.65 31.12
C1 BEN E . 24.92 2.87 0.50
C2 BEN E . 25.50 4.08 0.12
C3 BEN E . 26.00 4.95 1.11
C4 BEN E . 25.91 4.59 2.45
C5 BEN E . 25.33 3.38 2.83
C6 BEN E . 24.83 2.53 1.85
C BEN E . 24.37 1.95 -0.56
N1 BEN E . 24.35 2.32 -1.76
N2 BEN E . 23.88 0.75 -0.22
C1 BEN F . -1.64 0.08 19.97
C2 BEN F . -0.86 0.82 19.06
C3 BEN F . 0.39 1.30 19.41
C4 BEN F . 0.88 1.05 20.70
C5 BEN F . 0.12 0.31 21.61
C6 BEN F . -1.14 -0.18 21.25
C BEN F . -2.99 -0.45 19.56
N1 BEN F . -3.30 -0.49 18.34
N2 BEN F . -3.84 -0.90 20.49
#